data_6NVH
#
_entry.id   6NVH
#
_cell.length_a   64.127
_cell.length_b   64.127
_cell.length_c   181.924
_cell.angle_alpha   90.00
_cell.angle_beta   90.00
_cell.angle_gamma   90.00
#
_symmetry.space_group_name_H-M   'P 43 21 2'
#
loop_
_entity.id
_entity.type
_entity.pdbx_description
1 polymer 'Fibroblast growth factor receptor 4'
2 non-polymer 'SULFATE ION'
3 non-polymer N-[2-({5-[(2,6-dichloro-3,5-dimethoxyphenyl)methoxy]pyrimidin-2-yl}amino)-3-methylphenyl]propanamide
4 water water
#
_entity_poly.entity_id   1
_entity_poly.type   'polypeptide(L)'
_entity_poly.pdbx_seq_one_letter_code
;MVSLDLPLDPLWEFPRDRLVLGKPLGEGCFGQVVRAEAFGMDPARPDQASTVAVKMLKDNASDKDLADLVSEMEVMKLIG
RHKNIINLLGVCTQEGPLYVIVECAAKGNLREFLRARRPPGSSEGPLSFPVLVSCAYQVARGMQYLESRKCIHRDLAARN
VLVTEDNVMKIADFGLARGVHHIDYYKKTSNGRLPVKWMAPEALFDRVYTHQSDVWSFGILLWEIFTLGGSPYPGIPVEE
LFSLLREGHRMDRPPHCPPELYGLMRECWHAAPSQRPTFKQLVEALDKVLLAVSHHHHHH
;
_entity_poly.pdbx_strand_id   A
#
loop_
_chem_comp.id
_chem_comp.type
_chem_comp.name
_chem_comp.formula
SO4 non-polymer 'SULFATE ION' 'O4 S -2'
XL6 non-polymer N-[2-({5-[(2,6-dichloro-3,5-dimethoxyphenyl)methoxy]pyrimidin-2-yl}amino)-3-methylphenyl]propanamide 'C23 H24 Cl2 N4 O4'
#
# COMPACT_ATOMS: atom_id res chain seq x y z
N ASP A 5 15.90 10.03 25.64
CA ASP A 5 16.50 9.60 24.33
C ASP A 5 16.03 10.56 23.22
N LEU A 6 14.73 10.58 22.93
CA LEU A 6 14.13 11.19 21.71
C LEU A 6 13.63 12.61 21.99
N PRO A 7 13.83 13.56 21.04
CA PRO A 7 13.30 14.91 21.20
C PRO A 7 11.77 14.94 21.14
N LEU A 8 11.16 15.90 21.80
CA LEU A 8 9.69 16.17 21.77
C LEU A 8 9.40 17.04 20.54
N ASP A 9 8.61 16.53 19.60
CA ASP A 9 8.18 17.28 18.39
C ASP A 9 6.79 17.83 18.64
N PRO A 10 6.62 19.16 18.83
CA PRO A 10 5.34 19.73 19.22
C PRO A 10 4.28 19.64 18.11
N LEU A 11 4.69 19.34 16.89
CA LEU A 11 3.73 19.19 15.76
C LEU A 11 3.04 17.81 15.84
N TRP A 12 3.61 16.83 16.57
CA TRP A 12 3.20 15.41 16.47
C TRP A 12 2.96 14.73 17.83
N GLU A 13 3.53 15.24 18.92
CA GLU A 13 3.46 14.53 20.23
C GLU A 13 1.98 14.46 20.65
N PHE A 14 1.54 13.27 21.05
CA PHE A 14 0.14 12.96 21.48
C PHE A 14 0.19 12.42 22.91
N PRO A 15 -0.73 12.80 23.81
CA PRO A 15 -0.65 12.41 25.21
C PRO A 15 -0.93 10.90 25.34
N ARG A 16 -0.01 10.12 25.92
CA ARG A 16 -0.16 8.63 25.93
C ARG A 16 -1.25 8.25 26.93
N ASP A 17 -1.63 9.15 27.84
CA ASP A 17 -2.78 8.96 28.76
C ASP A 17 -4.11 9.05 27.99
N ARG A 18 -4.12 9.60 26.77
CA ARG A 18 -5.34 9.70 25.93
C ARG A 18 -5.34 8.61 24.84
N LEU A 19 -4.45 7.62 24.96
CA LEU A 19 -4.35 6.47 24.04
C LEU A 19 -4.58 5.18 24.83
N VAL A 20 -5.70 4.50 24.57
CA VAL A 20 -6.14 3.23 25.23
C VAL A 20 -5.80 2.05 24.31
N LEU A 21 -4.70 1.35 24.60
CA LEU A 21 -4.20 0.18 23.82
C LEU A 21 -5.21 -0.97 23.92
N GLY A 22 -5.54 -1.59 22.78
CA GLY A 22 -6.51 -2.70 22.65
C GLY A 22 -5.86 -3.94 22.06
N LYS A 23 -6.61 -4.70 21.26
CA LYS A 23 -6.24 -6.04 20.73
C LYS A 23 -5.11 -5.90 19.71
N PRO A 24 -4.05 -6.74 19.80
CA PRO A 24 -3.01 -6.79 18.77
C PRO A 24 -3.58 -6.95 17.36
N LEU A 25 -2.92 -6.34 16.36
CA LEU A 25 -3.24 -6.50 14.92
C LEU A 25 -2.22 -7.45 14.27
N GLY A 26 -0.95 -7.38 14.68
CA GLY A 26 0.15 -8.23 14.18
C GLY A 26 1.37 -8.13 15.08
N GLU A 27 2.27 -9.14 15.05
CA GLU A 27 3.44 -9.28 15.96
C GLU A 27 4.62 -9.93 15.24
N GLY A 31 9.09 -6.12 17.47
CA GLY A 31 8.07 -5.08 17.24
C GLY A 31 6.68 -5.66 17.01
N GLN A 32 5.63 -4.86 17.26
CA GLN A 32 4.21 -5.29 17.16
C GLN A 32 3.33 -4.08 16.82
N VAL A 33 2.12 -4.35 16.34
CA VAL A 33 1.10 -3.31 16.01
C VAL A 33 -0.19 -3.64 16.78
N VAL A 34 -0.71 -2.70 17.55
CA VAL A 34 -1.94 -2.91 18.35
C VAL A 34 -2.99 -1.88 17.92
N ARG A 35 -4.24 -2.32 17.91
CA ARG A 35 -5.43 -1.45 17.78
C ARG A 35 -5.53 -0.61 19.06
N ALA A 36 -6.06 0.61 18.96
CA ALA A 36 -6.20 1.54 20.11
C ALA A 36 -7.38 2.49 19.90
N GLU A 37 -7.90 3.02 21.00
CA GLU A 37 -8.82 4.18 21.01
C GLU A 37 -7.98 5.42 21.36
N ALA A 38 -8.06 6.45 20.52
CA ALA A 38 -7.38 7.74 20.74
C ALA A 38 -8.45 8.79 21.02
N PHE A 39 -8.29 9.57 22.09
CA PHE A 39 -9.21 10.67 22.47
C PHE A 39 -8.56 12.00 22.12
N GLY A 40 -9.16 12.74 21.20
CA GLY A 40 -8.74 14.11 20.84
C GLY A 40 -7.88 14.16 19.58
N MET A 41 -7.87 13.10 18.76
CA MET A 41 -7.20 13.11 17.43
C MET A 41 -7.80 14.24 16.58
N ASP A 42 -9.06 14.60 16.82
CA ASP A 42 -9.70 15.84 16.29
C ASP A 42 -9.62 16.91 17.37
N PRO A 43 -8.69 17.88 17.27
CA PRO A 43 -8.66 19.05 18.15
C PRO A 43 -9.99 19.83 18.26
N ALA A 44 -10.82 19.82 17.21
CA ALA A 44 -12.17 20.44 17.21
C ALA A 44 -13.03 19.82 18.31
N ARG A 45 -13.20 18.49 18.29
CA ARG A 45 -13.97 17.69 19.28
C ARG A 45 -13.00 16.84 20.11
N PRO A 46 -12.31 17.43 21.12
CA PRO A 46 -11.25 16.73 21.84
C PRO A 46 -11.72 15.54 22.72
N ASP A 47 -13.02 15.46 23.01
CA ASP A 47 -13.63 14.37 23.83
C ASP A 47 -13.77 13.11 22.96
N GLN A 48 -13.99 13.26 21.64
CA GLN A 48 -14.42 12.19 20.70
C GLN A 48 -13.31 11.14 20.52
N ALA A 49 -13.69 9.86 20.51
CA ALA A 49 -12.81 8.70 20.32
C ALA A 49 -12.70 8.37 18.82
N SER A 50 -11.57 7.80 18.42
CA SER A 50 -11.34 7.25 17.06
C SER A 50 -10.43 6.03 17.17
N THR A 51 -10.65 5.04 16.32
CA THR A 51 -9.86 3.79 16.31
C THR A 51 -8.61 4.03 15.45
N VAL A 52 -7.44 3.73 16.00
CA VAL A 52 -6.14 3.96 15.32
C VAL A 52 -5.32 2.68 15.46
N ALA A 53 -4.19 2.62 14.77
CA ALA A 53 -3.21 1.53 14.90
C ALA A 53 -1.94 2.11 15.51
N VAL A 54 -1.30 1.37 16.39
CA VAL A 54 -0.09 1.86 17.11
C VAL A 54 1.04 0.88 16.83
N LYS A 55 2.14 1.36 16.27
CA LYS A 55 3.38 0.55 16.09
C LYS A 55 4.31 0.82 17.28
N MET A 56 4.94 -0.24 17.79
CA MET A 56 5.85 -0.16 18.95
C MET A 56 6.83 -1.33 18.88
N LEU A 57 7.90 -1.26 19.67
CA LEU A 57 8.93 -2.33 19.80
C LEU A 57 8.47 -3.34 20.87
N LYS A 58 9.02 -4.55 20.80
CA LYS A 58 8.94 -5.59 21.85
C LYS A 58 10.25 -5.54 22.64
N ASP A 59 10.23 -5.98 23.91
CA ASP A 59 11.35 -5.89 24.89
C ASP A 59 12.66 -6.42 24.27
N ASN A 60 12.57 -7.45 23.40
CA ASN A 60 13.73 -8.13 22.78
C ASN A 60 14.42 -7.25 21.72
N ALA A 61 13.93 -6.02 21.50
CA ALA A 61 14.36 -5.13 20.38
C ALA A 61 15.73 -4.52 20.66
N SER A 62 16.59 -4.48 19.63
CA SER A 62 17.96 -3.91 19.68
C SER A 62 17.92 -2.41 19.38
N ASP A 63 19.08 -1.75 19.45
CA ASP A 63 19.27 -0.30 19.17
C ASP A 63 18.89 -0.02 17.71
N LYS A 64 19.18 -0.96 16.81
CA LYS A 64 18.90 -0.86 15.35
C LYS A 64 17.38 -0.92 15.11
N ASP A 65 16.68 -1.79 15.84
CA ASP A 65 15.19 -1.93 15.76
C ASP A 65 14.57 -0.56 16.07
N LEU A 66 15.08 0.13 17.10
CA LEU A 66 14.58 1.45 17.53
C LEU A 66 14.87 2.49 16.44
N ALA A 67 16.11 2.52 15.93
CA ALA A 67 16.58 3.42 14.86
C ALA A 67 15.68 3.28 13.62
N ASP A 68 15.26 2.05 13.28
CA ASP A 68 14.38 1.74 12.12
C ASP A 68 12.98 2.32 12.34
N LEU A 69 12.42 2.19 13.55
CA LEU A 69 11.07 2.72 13.87
C LEU A 69 11.12 4.25 13.93
N VAL A 70 12.21 4.84 14.43
CA VAL A 70 12.40 6.32 14.42
C VAL A 70 12.48 6.79 12.96
N SER A 71 13.20 6.06 12.12
CA SER A 71 13.35 6.37 10.68
C SER A 71 11.98 6.35 10.00
N GLU A 72 11.16 5.35 10.27
CA GLU A 72 9.81 5.23 9.63
C GLU A 72 8.94 6.41 10.09
N MET A 73 8.93 6.73 11.38
CA MET A 73 8.23 7.90 11.96
C MET A 73 8.68 9.18 11.24
N GLU A 74 10.00 9.42 11.16
CA GLU A 74 10.54 10.67 10.57
C GLU A 74 10.21 10.75 9.07
N VAL A 75 10.30 9.65 8.32
CA VAL A 75 9.98 9.72 6.86
CA VAL A 75 9.98 9.64 6.86
C VAL A 75 8.49 9.99 6.69
N MET A 76 7.62 9.45 7.54
CA MET A 76 6.16 9.67 7.43
C MET A 76 5.81 11.14 7.70
N LYS A 77 6.45 11.77 8.70
CA LYS A 77 6.29 13.22 8.97
C LYS A 77 6.66 14.01 7.72
N LEU A 78 7.82 13.75 7.12
CA LEU A 78 8.32 14.53 5.96
C LEU A 78 7.42 14.30 4.73
N ILE A 79 7.00 13.07 4.46
CA ILE A 79 6.15 12.80 3.26
C ILE A 79 4.84 13.59 3.35
N GLY A 80 4.27 13.72 4.54
CA GLY A 80 3.02 14.49 4.77
C GLY A 80 1.80 13.68 4.37
N ARG A 81 0.61 14.29 4.38
CA ARG A 81 -0.65 13.51 4.35
C ARG A 81 -1.26 13.47 2.95
N HIS A 82 -1.99 12.38 2.66
CA HIS A 82 -2.78 12.21 1.42
C HIS A 82 -3.94 11.28 1.72
N LYS A 83 -5.06 11.48 1.03
CA LYS A 83 -6.29 10.66 1.14
C LYS A 83 -5.95 9.17 0.95
N ASN A 84 -5.04 8.84 0.03
CA ASN A 84 -4.83 7.45 -0.45
C ASN A 84 -3.56 6.83 0.14
N ILE A 85 -3.09 7.32 1.29
CA ILE A 85 -2.01 6.66 2.09
C ILE A 85 -2.49 6.52 3.54
N ILE A 86 -1.92 5.57 4.27
CA ILE A 86 -2.10 5.39 5.74
C ILE A 86 -1.31 6.52 6.41
N ASN A 87 -2.01 7.46 7.02
CA ASN A 87 -1.39 8.73 7.48
C ASN A 87 -0.90 8.57 8.92
N LEU A 88 0.22 9.25 9.22
CA LEU A 88 0.67 9.46 10.61
C LEU A 88 -0.34 10.36 11.30
N LEU A 89 -0.72 10.03 12.55
CA LEU A 89 -1.72 10.81 13.34
C LEU A 89 -1.06 11.44 14.57
N GLY A 90 0.01 10.85 15.08
CA GLY A 90 0.65 11.32 16.32
C GLY A 90 1.70 10.33 16.80
N VAL A 91 2.48 10.73 17.79
CA VAL A 91 3.59 9.91 18.34
C VAL A 91 3.60 10.10 19.86
N CYS A 92 4.05 9.07 20.56
CA CYS A 92 4.39 9.13 22.01
C CYS A 92 5.87 8.78 22.13
N THR A 93 6.70 9.77 22.49
CA THR A 93 8.17 9.65 22.50
C THR A 93 8.75 9.88 23.91
N GLN A 94 7.97 10.43 24.84
CA GLN A 94 8.47 10.91 26.16
C GLN A 94 7.99 9.98 27.28
N GLU A 95 8.85 9.76 28.28
CA GLU A 95 8.51 9.07 29.54
C GLU A 95 7.72 7.80 29.22
N GLY A 96 8.35 6.87 28.48
CA GLY A 96 7.74 5.59 28.08
C GLY A 96 8.14 5.17 26.67
N PRO A 97 7.69 3.99 26.19
CA PRO A 97 8.14 3.45 24.91
C PRO A 97 7.66 4.28 23.72
N LEU A 98 8.40 4.20 22.61
CA LEU A 98 8.05 4.87 21.32
C LEU A 98 6.74 4.27 20.81
N TYR A 99 5.70 5.09 20.68
CA TYR A 99 4.46 4.76 19.95
C TYR A 99 4.40 5.61 18.69
N VAL A 100 4.15 4.95 17.55
CA VAL A 100 3.83 5.64 16.26
C VAL A 100 2.36 5.33 15.93
N ILE A 101 1.52 6.36 15.95
CA ILE A 101 0.05 6.23 15.79
C ILE A 101 -0.33 6.57 14.35
N VAL A 102 -1.04 5.67 13.68
CA VAL A 102 -1.47 5.84 12.26
C VAL A 102 -2.96 5.51 12.11
N GLU A 103 -3.53 5.86 10.96
CA GLU A 103 -4.93 5.56 10.59
C GLU A 103 -5.14 4.04 10.59
N CYS A 104 -6.29 3.59 11.06
CA CYS A 104 -6.69 2.16 11.11
C CYS A 104 -7.82 1.97 10.08
N ALA A 105 -7.55 1.17 9.04
CA ALA A 105 -8.48 0.89 7.92
C ALA A 105 -9.38 -0.27 8.35
N ALA A 106 -10.68 -0.02 8.44
CA ALA A 106 -11.68 -0.94 9.05
C ALA A 106 -11.75 -2.25 8.27
N LYS A 107 -11.61 -2.23 6.94
CA LYS A 107 -11.95 -3.38 6.06
C LYS A 107 -10.71 -4.16 5.63
N GLY A 108 -9.59 -4.02 6.33
CA GLY A 108 -8.38 -4.85 6.10
C GLY A 108 -7.71 -4.58 4.79
N ASN A 109 -6.85 -5.49 4.32
CA ASN A 109 -6.03 -5.27 3.11
C ASN A 109 -6.89 -5.57 1.88
N LEU A 110 -6.47 -5.03 0.73
CA LEU A 110 -7.23 -5.06 -0.54
C LEU A 110 -7.31 -6.51 -1.05
N ARG A 111 -6.24 -7.29 -0.88
CA ARG A 111 -6.26 -8.71 -1.32
C ARG A 111 -7.45 -9.42 -0.65
N GLU A 112 -7.54 -9.35 0.67
CA GLU A 112 -8.57 -10.08 1.47
C GLU A 112 -9.96 -9.49 1.19
N PHE A 113 -10.05 -8.17 1.02
CA PHE A 113 -11.30 -7.45 0.69
C PHE A 113 -11.88 -8.01 -0.62
N LEU A 114 -11.03 -8.15 -1.65
CA LEU A 114 -11.45 -8.67 -2.98
C LEU A 114 -11.84 -10.16 -2.86
N ARG A 115 -11.01 -10.96 -2.20
CA ARG A 115 -11.22 -12.44 -2.09
C ARG A 115 -12.54 -12.72 -1.36
N ALA A 116 -12.85 -11.96 -0.30
CA ALA A 116 -14.09 -12.08 0.49
C ALA A 116 -15.32 -11.70 -0.32
N ARG A 117 -15.16 -10.99 -1.45
CA ARG A 117 -16.29 -10.49 -2.27
C ARG A 117 -16.36 -11.25 -3.61
N ARG A 118 -15.62 -12.35 -3.73
CA ARG A 118 -15.76 -13.33 -4.85
C ARG A 118 -17.16 -13.94 -4.79
N PRO A 119 -17.91 -13.96 -5.91
CA PRO A 119 -19.22 -14.60 -5.95
C PRO A 119 -19.05 -16.12 -6.02
N PRO A 120 -20.09 -16.93 -5.77
CA PRO A 120 -20.02 -18.38 -6.03
C PRO A 120 -19.96 -18.65 -7.55
N GLY A 121 -18.95 -19.41 -7.97
CA GLY A 121 -18.71 -19.81 -9.37
C GLY A 121 -18.89 -18.67 -10.35
N SER A 122 -19.81 -18.81 -11.30
CA SER A 122 -19.98 -17.93 -12.49
C SER A 122 -21.05 -16.84 -12.26
N SER A 123 -21.55 -16.68 -11.02
CA SER A 123 -22.57 -15.64 -10.69
C SER A 123 -21.90 -14.26 -10.58
N GLU A 124 -22.69 -13.19 -10.57
CA GLU A 124 -22.24 -11.78 -10.48
C GLU A 124 -21.91 -11.47 -9.01
N GLY A 125 -20.76 -10.83 -8.77
CA GLY A 125 -20.29 -10.42 -7.43
C GLY A 125 -20.78 -9.01 -7.09
N PRO A 126 -20.70 -8.58 -5.82
CA PRO A 126 -21.09 -7.22 -5.45
C PRO A 126 -20.16 -6.15 -6.03
N LEU A 127 -18.97 -6.51 -6.54
CA LEU A 127 -17.92 -5.55 -7.01
C LEU A 127 -18.07 -5.29 -8.51
N SER A 128 -18.63 -4.14 -8.87
CA SER A 128 -18.84 -3.69 -10.27
C SER A 128 -17.50 -3.28 -10.88
N PHE A 129 -17.47 -3.22 -12.21
CA PHE A 129 -16.32 -2.72 -13.00
C PHE A 129 -15.92 -1.32 -12.52
N PRO A 130 -16.84 -0.34 -12.38
CA PRO A 130 -16.44 1.00 -11.94
C PRO A 130 -15.79 0.98 -10.55
N VAL A 131 -16.22 0.10 -9.67
CA VAL A 131 -15.67 0.00 -8.28
C VAL A 131 -14.25 -0.56 -8.36
N LEU A 132 -14.01 -1.58 -9.20
CA LEU A 132 -12.66 -2.17 -9.37
C LEU A 132 -11.72 -1.12 -9.97
N VAL A 133 -12.18 -0.38 -10.97
CA VAL A 133 -11.34 0.66 -11.65
C VAL A 133 -11.05 1.78 -10.65
N SER A 134 -12.03 2.13 -9.80
N SER A 134 -12.02 2.13 -9.80
CA SER A 134 -11.90 3.15 -8.73
CA SER A 134 -11.88 3.16 -8.74
C SER A 134 -10.80 2.74 -7.74
C SER A 134 -10.80 2.74 -7.74
N CYS A 135 -10.76 1.46 -7.35
CA CYS A 135 -9.69 0.89 -6.49
C CYS A 135 -8.33 1.15 -7.14
N ALA A 136 -8.18 0.81 -8.42
CA ALA A 136 -6.94 1.01 -9.19
C ALA A 136 -6.60 2.51 -9.26
N TYR A 137 -7.58 3.36 -9.58
CA TYR A 137 -7.41 4.83 -9.69
C TYR A 137 -6.88 5.41 -8.36
N GLN A 138 -7.50 5.05 -7.25
CA GLN A 138 -7.10 5.54 -5.91
C GLN A 138 -5.67 5.12 -5.57
N VAL A 139 -5.29 3.87 -5.87
CA VAL A 139 -3.91 3.40 -5.62
C VAL A 139 -2.95 4.22 -6.51
N ALA A 140 -3.30 4.48 -7.77
CA ALA A 140 -2.44 5.28 -8.67
C ALA A 140 -2.27 6.70 -8.11
N ARG A 141 -3.33 7.29 -7.60
CA ARG A 141 -3.31 8.67 -6.99
C ARG A 141 -2.38 8.69 -5.77
N GLY A 142 -2.47 7.67 -4.89
CA GLY A 142 -1.57 7.50 -3.74
C GLY A 142 -0.12 7.39 -4.17
N MET A 143 0.17 6.57 -5.18
CA MET A 143 1.56 6.34 -5.64
C MET A 143 2.08 7.62 -6.29
N GLN A 144 1.23 8.35 -7.01
CA GLN A 144 1.59 9.63 -7.67
C GLN A 144 2.04 10.60 -6.58
N TYR A 145 1.29 10.68 -5.49
CA TYR A 145 1.60 11.55 -4.34
C TYR A 145 2.94 11.11 -3.72
N LEU A 146 3.08 9.83 -3.37
CA LEU A 146 4.33 9.34 -2.73
C LEU A 146 5.52 9.69 -3.64
N GLU A 147 5.36 9.48 -4.96
CA GLU A 147 6.41 9.76 -5.96
C GLU A 147 6.78 11.24 -5.87
N SER A 148 5.79 12.13 -5.74
CA SER A 148 5.97 13.60 -5.65
C SER A 148 6.73 13.96 -4.37
N ARG A 149 6.73 13.06 -3.37
CA ARG A 149 7.44 13.27 -2.07
C ARG A 149 8.71 12.41 -2.03
N LYS A 150 9.19 11.97 -3.21
CA LYS A 150 10.47 11.25 -3.43
C LYS A 150 10.45 9.92 -2.67
N CYS A 151 9.29 9.28 -2.60
CA CYS A 151 9.11 7.97 -1.91
C CYS A 151 8.96 6.88 -2.95
N ILE A 152 9.93 5.97 -3.01
CA ILE A 152 9.86 4.68 -3.77
C ILE A 152 9.34 3.63 -2.79
N HIS A 153 8.25 2.96 -3.12
CA HIS A 153 7.57 2.00 -2.22
C HIS A 153 8.41 0.72 -2.08
N ARG A 154 8.73 0.08 -3.21
CA ARG A 154 9.57 -1.14 -3.28
C ARG A 154 8.73 -2.42 -3.09
N ASP A 155 7.51 -2.36 -2.54
CA ASP A 155 6.72 -3.59 -2.28
C ASP A 155 5.22 -3.31 -2.49
N LEU A 156 4.87 -2.65 -3.58
CA LEU A 156 3.45 -2.35 -3.89
C LEU A 156 2.78 -3.65 -4.33
N ALA A 157 1.68 -3.99 -3.67
CA ALA A 157 0.89 -5.21 -3.91
C ALA A 157 -0.44 -5.04 -3.19
N ALA A 158 -1.46 -5.83 -3.52
CA ALA A 158 -2.79 -5.69 -2.92
C ALA A 158 -2.70 -5.91 -1.42
N ARG A 159 -1.75 -6.74 -0.96
CA ARG A 159 -1.59 -7.03 0.50
C ARG A 159 -1.14 -5.75 1.22
N ASN A 160 -0.54 -4.80 0.48
CA ASN A 160 0.05 -3.55 1.05
C ASN A 160 -0.82 -2.34 0.71
N VAL A 161 -2.08 -2.57 0.36
CA VAL A 161 -3.11 -1.51 0.23
C VAL A 161 -4.23 -1.87 1.21
N LEU A 162 -4.66 -0.92 2.02
CA LEU A 162 -5.72 -1.16 3.02
C LEU A 162 -6.99 -0.43 2.57
N VAL A 163 -8.13 -0.84 3.13
CA VAL A 163 -9.47 -0.38 2.70
C VAL A 163 -10.22 0.16 3.91
N THR A 164 -10.69 1.40 3.82
CA THR A 164 -11.42 2.12 4.90
C THR A 164 -12.89 1.70 4.90
N GLU A 165 -13.65 2.13 5.92
CA GLU A 165 -15.10 1.92 6.08
C GLU A 165 -15.84 2.36 4.80
N ASP A 166 -15.38 3.42 4.14
CA ASP A 166 -16.04 3.98 2.94
C ASP A 166 -15.30 3.51 1.67
N ASN A 167 -14.60 2.38 1.73
CA ASN A 167 -13.95 1.75 0.55
C ASN A 167 -12.93 2.70 -0.09
N VAL A 168 -12.22 3.48 0.73
CA VAL A 168 -11.08 4.31 0.23
C VAL A 168 -9.82 3.43 0.33
N MET A 169 -9.02 3.41 -0.74
CA MET A 169 -7.72 2.68 -0.79
C MET A 169 -6.64 3.52 -0.09
N LYS A 170 -5.87 2.92 0.80
CA LYS A 170 -4.73 3.58 1.49
C LYS A 170 -3.50 2.70 1.37
N ILE A 171 -2.45 3.20 0.72
CA ILE A 171 -1.14 2.50 0.60
C ILE A 171 -0.51 2.40 1.98
N ALA A 172 -0.05 1.20 2.34
CA ALA A 172 0.53 0.88 3.67
C ALA A 172 2.04 0.74 3.52
N ASP A 173 2.77 0.94 4.62
CA ASP A 173 4.19 0.51 4.78
C ASP A 173 5.08 1.16 3.71
N PHE A 174 4.85 2.44 3.40
CA PHE A 174 5.62 3.18 2.38
C PHE A 174 6.86 3.82 3.01
N GLY A 175 7.01 3.78 4.34
CA GLY A 175 8.11 4.48 5.03
C GLY A 175 9.15 3.54 5.63
N LEU A 176 9.12 2.25 5.28
CA LEU A 176 9.94 1.20 5.95
C LEU A 176 11.40 1.31 5.54
N ALA A 177 12.31 1.11 6.50
CA ALA A 177 13.79 1.10 6.32
C ALA A 177 14.22 -0.13 5.50
N ARG A 178 15.17 0.04 4.59
CA ARG A 178 15.73 -1.02 3.71
C ARG A 178 16.69 -1.89 4.53
N LEU A 194 11.04 -13.16 -0.20
CA LEU A 194 11.20 -12.06 -1.20
C LEU A 194 10.06 -12.13 -2.21
N PRO A 195 9.21 -11.09 -2.31
CA PRO A 195 8.01 -11.11 -3.17
C PRO A 195 8.36 -10.88 -4.65
N VAL A 196 9.05 -11.86 -5.24
CA VAL A 196 9.68 -11.75 -6.58
C VAL A 196 8.59 -11.62 -7.65
N LYS A 197 7.38 -12.11 -7.41
CA LYS A 197 6.30 -12.10 -8.44
C LYS A 197 5.77 -10.67 -8.66
N TRP A 198 6.14 -9.73 -7.80
CA TRP A 198 5.74 -8.30 -7.91
C TRP A 198 6.90 -7.43 -8.42
N MET A 199 8.10 -8.00 -8.57
CA MET A 199 9.33 -7.19 -8.77
C MET A 199 9.62 -6.97 -10.26
N ALA A 200 9.99 -5.75 -10.61
CA ALA A 200 10.49 -5.39 -11.96
C ALA A 200 11.77 -6.17 -12.23
N PRO A 201 12.05 -6.53 -13.49
CA PRO A 201 13.27 -7.29 -13.82
C PRO A 201 14.54 -6.59 -13.31
N GLU A 202 14.65 -5.26 -13.45
CA GLU A 202 15.84 -4.50 -12.98
C GLU A 202 16.00 -4.67 -11.47
N ALA A 203 14.92 -4.87 -10.71
CA ALA A 203 14.96 -5.13 -9.25
C ALA A 203 15.37 -6.59 -8.99
N LEU A 204 14.77 -7.53 -9.73
CA LEU A 204 15.11 -8.98 -9.61
C LEU A 204 16.61 -9.11 -9.80
N PHE A 205 17.09 -8.70 -10.99
CA PHE A 205 18.41 -9.07 -11.56
C PHE A 205 19.49 -8.07 -11.13
N ASP A 206 19.15 -6.78 -10.92
CA ASP A 206 20.16 -5.71 -10.64
C ASP A 206 19.94 -5.03 -9.28
N ARG A 207 18.95 -5.46 -8.49
CA ARG A 207 18.64 -4.93 -7.12
C ARG A 207 18.38 -3.42 -7.17
N VAL A 208 17.98 -2.87 -8.32
CA VAL A 208 17.68 -1.42 -8.47
C VAL A 208 16.17 -1.21 -8.34
N TYR A 209 15.75 -0.35 -7.40
CA TYR A 209 14.32 0.05 -7.22
C TYR A 209 14.19 1.54 -7.56
N THR A 210 13.26 1.86 -8.45
CA THR A 210 12.94 3.22 -8.91
C THR A 210 11.42 3.40 -8.90
N HIS A 211 10.95 4.61 -9.21
CA HIS A 211 9.50 4.87 -9.43
C HIS A 211 9.00 3.95 -10.54
N GLN A 212 9.82 3.70 -11.55
CA GLN A 212 9.37 2.89 -12.71
CA GLN A 212 9.50 2.87 -12.74
C GLN A 212 9.34 1.40 -12.32
N SER A 213 10.14 0.92 -11.35
CA SER A 213 10.02 -0.43 -10.76
CA SER A 213 9.99 -0.45 -10.80
C SER A 213 8.66 -0.54 -10.05
N ASP A 214 8.28 0.53 -9.34
CA ASP A 214 6.97 0.58 -8.64
C ASP A 214 5.85 0.46 -9.68
N VAL A 215 6.02 1.05 -10.88
CA VAL A 215 4.99 1.01 -11.95
C VAL A 215 4.79 -0.45 -12.39
N TRP A 216 5.87 -1.22 -12.51
CA TRP A 216 5.77 -2.68 -12.82
C TRP A 216 4.87 -3.36 -11.77
N SER A 217 5.16 -3.15 -10.48
CA SER A 217 4.38 -3.71 -9.35
C SER A 217 2.93 -3.25 -9.45
N PHE A 218 2.68 -1.99 -9.84
CA PHE A 218 1.30 -1.49 -10.00
C PHE A 218 0.57 -2.37 -11.03
N GLY A 219 1.25 -2.70 -12.12
CA GLY A 219 0.68 -3.58 -13.16
C GLY A 219 0.28 -4.93 -12.57
N ILE A 220 1.11 -5.51 -11.70
CA ILE A 220 0.80 -6.80 -11.02
C ILE A 220 -0.41 -6.58 -10.09
N LEU A 221 -0.44 -5.45 -9.38
CA LEU A 221 -1.60 -5.10 -8.49
C LEU A 221 -2.88 -5.00 -9.32
N LEU A 222 -2.81 -4.39 -10.51
CA LEU A 222 -3.99 -4.22 -11.40
C LEU A 222 -4.56 -5.61 -11.74
N TRP A 223 -3.67 -6.55 -12.04
CA TRP A 223 -4.01 -7.98 -12.31
C TRP A 223 -4.65 -8.61 -11.06
N GLU A 224 -4.12 -8.34 -9.86
CA GLU A 224 -4.73 -8.80 -8.58
C GLU A 224 -6.16 -8.26 -8.47
N ILE A 225 -6.40 -7.01 -8.86
CA ILE A 225 -7.75 -6.37 -8.69
C ILE A 225 -8.72 -7.09 -9.63
N PHE A 226 -8.33 -7.33 -10.89
CA PHE A 226 -9.23 -7.86 -11.93
C PHE A 226 -9.29 -9.41 -11.90
N THR A 227 -8.60 -10.06 -10.96
CA THR A 227 -8.77 -11.49 -10.59
C THR A 227 -9.41 -11.60 -9.21
N LEU A 228 -9.89 -10.49 -8.64
CA LEU A 228 -10.45 -10.41 -7.27
C LEU A 228 -9.50 -11.09 -6.27
N GLY A 229 -8.21 -10.75 -6.33
CA GLY A 229 -7.21 -11.18 -5.34
C GLY A 229 -6.54 -12.50 -5.72
N GLY A 230 -6.36 -12.74 -7.02
CA GLY A 230 -5.65 -13.92 -7.56
C GLY A 230 -4.16 -13.90 -7.24
N SER A 231 -3.54 -15.07 -7.15
CA SER A 231 -2.08 -15.26 -7.00
C SER A 231 -1.43 -15.11 -8.38
N PRO A 232 -0.46 -14.19 -8.56
CA PRO A 232 0.16 -13.96 -9.87
C PRO A 232 0.96 -15.16 -10.38
N TYR A 233 1.13 -15.28 -11.70
CA TYR A 233 1.86 -16.41 -12.35
C TYR A 233 1.41 -17.72 -11.72
N PRO A 234 0.09 -18.03 -11.76
CA PRO A 234 -0.45 -19.18 -11.03
C PRO A 234 0.10 -20.49 -11.64
N GLY A 235 0.73 -21.31 -10.80
CA GLY A 235 1.36 -22.59 -11.18
C GLY A 235 2.86 -22.43 -11.32
N ILE A 236 3.30 -21.47 -12.14
CA ILE A 236 4.72 -21.23 -12.50
C ILE A 236 5.51 -21.02 -11.20
N PRO A 237 6.48 -21.90 -10.88
CA PRO A 237 7.30 -21.74 -9.67
C PRO A 237 8.34 -20.62 -9.87
N VAL A 238 8.69 -19.91 -8.78
CA VAL A 238 9.64 -18.76 -8.78
C VAL A 238 10.84 -19.08 -9.70
N GLU A 239 11.23 -20.36 -9.80
CA GLU A 239 12.37 -20.84 -10.62
C GLU A 239 12.20 -20.44 -12.09
N GLU A 240 11.02 -20.70 -12.68
CA GLU A 240 10.73 -20.53 -14.13
C GLU A 240 10.30 -19.10 -14.46
N LEU A 241 10.00 -18.28 -13.45
CA LEU A 241 9.48 -16.89 -13.63
C LEU A 241 10.49 -16.05 -14.41
N PHE A 242 11.73 -16.00 -13.92
CA PHE A 242 12.81 -15.10 -14.40
C PHE A 242 13.07 -15.35 -15.90
N SER A 243 13.08 -16.62 -16.31
CA SER A 243 13.26 -17.07 -17.72
C SER A 243 12.02 -16.68 -18.55
N LEU A 244 10.81 -16.85 -17.99
CA LEU A 244 9.54 -16.44 -18.65
C LEU A 244 9.62 -14.96 -19.02
N LEU A 245 9.98 -14.11 -18.06
CA LEU A 245 10.03 -12.63 -18.25
C LEU A 245 11.09 -12.31 -19.30
N ARG A 246 12.25 -12.97 -19.24
CA ARG A 246 13.38 -12.69 -20.16
C ARG A 246 13.00 -13.00 -21.61
N GLU A 247 12.16 -14.01 -21.83
CA GLU A 247 11.77 -14.46 -23.19
C GLU A 247 10.44 -13.80 -23.58
N GLY A 248 10.05 -12.71 -22.89
CA GLY A 248 9.00 -11.77 -23.34
C GLY A 248 7.59 -12.18 -22.89
N HIS A 249 7.46 -13.19 -22.04
CA HIS A 249 6.13 -13.70 -21.60
C HIS A 249 5.64 -12.92 -20.37
N ARG A 250 4.33 -12.77 -20.27
CA ARG A 250 3.62 -12.02 -19.20
C ARG A 250 2.33 -12.77 -18.89
N MET A 251 1.71 -12.47 -17.76
CA MET A 251 0.39 -13.03 -17.40
C MET A 251 -0.63 -12.71 -18.52
N ASP A 252 -1.54 -13.65 -18.75
CA ASP A 252 -2.63 -13.56 -19.75
C ASP A 252 -3.71 -12.65 -19.18
N ARG A 253 -4.53 -12.08 -20.06
CA ARG A 253 -5.70 -11.26 -19.68
C ARG A 253 -6.62 -12.09 -18.80
N PRO A 254 -6.89 -11.66 -17.54
CA PRO A 254 -7.79 -12.42 -16.68
C PRO A 254 -9.22 -12.39 -17.21
N PRO A 255 -10.04 -13.42 -16.91
CA PRO A 255 -11.41 -13.49 -17.41
C PRO A 255 -12.23 -12.24 -17.08
N HIS A 256 -13.00 -11.75 -18.06
CA HIS A 256 -13.94 -10.61 -17.94
C HIS A 256 -13.19 -9.29 -17.72
N CYS A 257 -11.86 -9.27 -17.87
CA CYS A 257 -11.04 -8.03 -17.84
C CYS A 257 -11.09 -7.36 -19.20
N PRO A 258 -11.65 -6.14 -19.33
CA PRO A 258 -11.70 -5.45 -20.62
C PRO A 258 -10.30 -5.22 -21.19
N PRO A 259 -10.14 -5.29 -22.53
CA PRO A 259 -8.87 -5.04 -23.19
C PRO A 259 -8.15 -3.74 -22.81
N GLU A 260 -8.89 -2.65 -22.55
CA GLU A 260 -8.30 -1.32 -22.18
C GLU A 260 -7.44 -1.50 -20.91
N LEU A 261 -7.93 -2.25 -19.93
CA LEU A 261 -7.22 -2.40 -18.65
C LEU A 261 -6.11 -3.45 -18.76
N TYR A 262 -6.30 -4.51 -19.55
CA TYR A 262 -5.20 -5.47 -19.81
C TYR A 262 -4.07 -4.73 -20.55
N GLY A 263 -4.45 -3.85 -21.48
CA GLY A 263 -3.51 -2.98 -22.21
C GLY A 263 -2.63 -2.19 -21.25
N LEU A 264 -3.22 -1.62 -20.18
CA LEU A 264 -2.47 -0.85 -19.15
C LEU A 264 -1.52 -1.78 -18.38
N MET A 265 -1.98 -2.98 -18.00
CA MET A 265 -1.12 -3.96 -17.30
C MET A 265 0.13 -4.21 -18.15
N ARG A 266 -0.05 -4.50 -19.45
CA ARG A 266 1.06 -4.87 -20.37
C ARG A 266 2.01 -3.69 -20.56
N GLU A 267 1.52 -2.46 -20.53
CA GLU A 267 2.41 -1.27 -20.60
C GLU A 267 3.27 -1.20 -19.34
N CYS A 268 2.69 -1.47 -18.17
CA CYS A 268 3.42 -1.49 -16.87
C CYS A 268 4.52 -2.56 -16.90
N TRP A 269 4.37 -3.59 -17.74
CA TRP A 269 5.30 -4.75 -17.77
C TRP A 269 6.23 -4.69 -18.98
N HIS A 270 6.44 -3.53 -19.60
CA HIS A 270 7.52 -3.33 -20.60
C HIS A 270 8.86 -3.59 -19.91
N ALA A 271 9.78 -4.28 -20.58
CA ALA A 271 11.11 -4.61 -20.03
C ALA A 271 11.87 -3.32 -19.74
N ALA A 272 11.78 -2.33 -20.64
CA ALA A 272 12.46 -1.02 -20.54
C ALA A 272 11.70 -0.15 -19.55
N PRO A 273 12.30 0.24 -18.40
CA PRO A 273 11.62 1.10 -17.42
C PRO A 273 11.05 2.39 -18.02
N SER A 274 11.76 2.97 -19.00
CA SER A 274 11.42 4.28 -19.62
C SER A 274 10.20 4.14 -20.54
N GLN A 275 9.84 2.93 -20.95
CA GLN A 275 8.68 2.66 -21.84
C GLN A 275 7.44 2.34 -21.00
N ARG A 276 7.59 2.17 -19.68
CA ARG A 276 6.42 1.97 -18.79
C ARG A 276 5.74 3.32 -18.64
N PRO A 277 4.41 3.36 -18.39
CA PRO A 277 3.76 4.63 -18.05
C PRO A 277 4.29 5.20 -16.73
N THR A 278 4.15 6.51 -16.55
CA THR A 278 4.36 7.20 -15.26
C THR A 278 3.08 7.04 -14.43
N PHE A 279 3.17 7.25 -13.13
CA PHE A 279 1.97 7.24 -12.24
C PHE A 279 1.01 8.34 -12.71
N LYS A 280 1.51 9.48 -13.18
CA LYS A 280 0.68 10.58 -13.74
C LYS A 280 -0.13 10.05 -14.93
N GLN A 281 0.51 9.32 -15.85
CA GLN A 281 -0.17 8.71 -17.03
C GLN A 281 -1.13 7.60 -16.60
N LEU A 282 -0.83 6.83 -15.54
CA LEU A 282 -1.77 5.80 -15.05
C LEU A 282 -3.02 6.48 -14.46
N VAL A 283 -2.84 7.52 -13.66
CA VAL A 283 -3.99 8.28 -13.09
C VAL A 283 -4.86 8.76 -14.25
N GLU A 284 -4.26 9.38 -15.26
CA GLU A 284 -4.96 9.96 -16.44
C GLU A 284 -5.70 8.84 -17.19
N ALA A 285 -5.07 7.68 -17.38
CA ALA A 285 -5.67 6.55 -18.14
C ALA A 285 -6.88 6.02 -17.37
N LEU A 286 -6.75 5.81 -16.07
CA LEU A 286 -7.83 5.23 -15.24
C LEU A 286 -8.96 6.25 -15.10
N ASP A 287 -8.61 7.54 -15.01
CA ASP A 287 -9.60 8.66 -15.01
C ASP A 287 -10.46 8.56 -16.27
N LYS A 288 -9.82 8.42 -17.44
CA LYS A 288 -10.51 8.36 -18.75
C LYS A 288 -11.48 7.18 -18.77
N VAL A 289 -11.14 6.02 -18.20
CA VAL A 289 -12.03 4.83 -18.10
C VAL A 289 -13.25 5.16 -17.23
N LEU A 290 -13.03 5.75 -16.06
CA LEU A 290 -14.10 6.10 -15.10
C LEU A 290 -15.02 7.17 -15.70
N LEU A 291 -14.48 8.13 -16.46
CA LEU A 291 -15.29 9.21 -17.09
C LEU A 291 -16.15 8.60 -18.20
N ALA A 292 -15.69 7.54 -18.87
CA ALA A 292 -16.38 6.92 -20.01
C ALA A 292 -17.62 6.12 -19.55
N VAL A 293 -17.68 5.65 -18.30
CA VAL A 293 -18.86 4.91 -17.77
C VAL A 293 -19.89 5.91 -17.24
S SO4 B . -6.56 -18.02 -6.55
O1 SO4 B . -6.83 -19.43 -6.61
O2 SO4 B . -5.31 -17.74 -7.22
O3 SO4 B . -6.46 -17.63 -5.18
O4 SO4 B . -7.62 -17.30 -7.20
S SO4 C . -18.97 -3.80 1.40
O1 SO4 C . -18.39 -4.35 0.20
O2 SO4 C . -20.20 -4.48 1.70
O3 SO4 C . -19.23 -2.41 1.20
O4 SO4 C . -18.06 -3.98 2.50
C1 XL6 D . 2.34 1.91 10.61
C2 XL6 D . 1.38 0.95 10.92
C3 XL6 D . 0.53 0.44 9.95
C4 XL6 D . 0.68 0.89 8.65
C5 XL6 D . 1.63 1.84 8.31
C6 XL6 D . 2.47 2.34 9.30
O1 XL6 D . 3.14 2.38 11.62
O2 XL6 D . 1.70 2.22 7.00
C7 XL6 D . 4.20 3.28 11.30
C8 XL6 D . 2.08 3.56 6.69
CL1 XL6 D . 1.18 0.45 12.57
CL2 XL6 D . -0.35 0.25 7.44
C9 XL6 D . -0.54 -0.58 10.27
O3 XL6 D . -1.80 0.10 10.39
C10 XL6 D . -2.96 -0.58 10.12
C11 XL6 D . -4.04 0.11 9.62
N1 XL6 D . -5.21 -0.48 9.35
C12 XL6 D . -5.28 -1.81 9.62
N2 XL6 D . -4.28 -2.56 10.11
C13 XL6 D . -3.12 -1.94 10.37
N3 XL6 D . -6.45 -2.45 9.32
C14 XL6 D . -6.82 -3.79 9.59
C15 XL6 D . -7.85 -4.04 10.52
C16 XL6 D . -8.23 -5.38 10.77
C17 XL6 D . -7.56 -6.42 10.17
C18 XL6 D . -6.53 -6.15 9.28
C19 XL6 D . -6.14 -4.85 8.97
C20 XL6 D . -5.02 -4.63 7.99
N4 XL6 D . -8.54 -2.94 11.08
C21 XL6 D . -8.98 -2.81 12.35
C22 XL6 D . -9.71 -1.52 12.63
C23 XL6 D . -8.98 -0.28 12.19
O4 XL6 D . -8.80 -3.66 13.21
#